data_7VLN
#
_entry.id   7VLN
#
_cell.length_a   70.120
_cell.length_b   70.120
_cell.length_c   230.670
_cell.angle_alpha   90.000
_cell.angle_beta   90.000
_cell.angle_gamma   120.000
#
_symmetry.space_group_name_H-M   'P 31 2 1'
#
loop_
_entity.id
_entity.type
_entity.pdbx_description
1 polymer 'Histone-lysine N-methyltransferase NSD2'
2 non-polymer 4-[5-[4-(aminomethyl)-2,6-dimethoxy-phenyl]-3-methyl-imidazol-4-yl]benzenecarbonitrile
#
_entity_poly.entity_id   1
_entity_poly.type   'polypeptide(L)'
_entity_poly.pdbx_seq_one_letter_code
;LLKYNVGDLVWSKVSGYPWWPCMVSADPLLHSYTKLKGQKKSARQYHVQFFGDAPERAWIFEKSLVAFEGEGQFEKLCQE
SAKQAPTKAEKIKLLKPISGKLRAQWEMGIVQAEEAASMSVEERKAKFTFLY
;
_entity_poly.pdbx_strand_id   A,B,C
#
# COMPACT_ATOMS: atom_id res chain seq x y z
N LEU A 1 14.87 33.13 -19.94
CA LEU A 1 14.18 34.17 -19.19
C LEU A 1 12.68 33.85 -19.15
N LEU A 2 12.31 32.65 -19.61
CA LEU A 2 10.94 32.15 -19.49
C LEU A 2 10.93 30.74 -18.95
N LYS A 3 10.03 30.49 -17.98
CA LYS A 3 9.92 29.17 -17.37
C LYS A 3 9.77 28.06 -18.40
N TYR A 4 9.28 28.34 -19.61
CA TYR A 4 9.17 27.27 -20.57
C TYR A 4 9.54 27.85 -21.92
N ASN A 5 9.87 26.99 -22.89
CA ASN A 5 10.18 27.46 -24.24
C ASN A 5 9.38 26.60 -25.22
N VAL A 6 9.91 26.46 -26.44
CA VAL A 6 9.08 25.96 -27.54
C VAL A 6 8.67 24.52 -27.29
N GLY A 7 9.61 23.56 -27.42
CA GLY A 7 9.34 22.13 -27.24
C GLY A 7 9.28 21.53 -25.83
N ASP A 8 9.23 22.35 -24.79
CA ASP A 8 9.26 21.86 -23.42
C ASP A 8 8.04 20.97 -23.13
N LEU A 9 8.15 20.07 -22.16
CA LEU A 9 7.12 19.07 -21.90
C LEU A 9 6.50 19.28 -20.53
N VAL A 10 5.17 19.42 -20.50
CA VAL A 10 4.52 19.97 -19.33
C VAL A 10 3.23 19.22 -19.00
N TRP A 11 3.02 19.03 -17.71
CA TRP A 11 1.72 18.66 -17.21
C TRP A 11 0.81 19.89 -17.22
N SER A 12 -0.44 19.68 -17.67
CA SER A 12 -1.41 20.78 -17.83
C SER A 12 -2.72 20.38 -17.16
N LYS A 13 -3.18 21.21 -16.23
CA LYS A 13 -4.42 20.92 -15.51
C LYS A 13 -5.56 21.78 -16.03
N VAL A 14 -6.61 21.13 -16.50
CA VAL A 14 -7.84 21.79 -16.93
C VAL A 14 -8.99 21.28 -16.07
N SER A 15 -9.72 22.20 -15.44
CA SER A 15 -10.83 21.85 -14.56
C SER A 15 -11.74 20.79 -15.18
N GLY A 16 -12.01 19.73 -14.43
CA GLY A 16 -12.71 18.57 -14.95
C GLY A 16 -11.80 17.48 -15.51
N TYR A 17 -10.58 17.83 -15.93
CA TYR A 17 -9.61 16.91 -16.54
C TYR A 17 -8.50 16.54 -15.58
N PRO A 18 -7.93 15.36 -15.76
CA PRO A 18 -6.71 14.96 -15.03
C PRO A 18 -5.45 15.61 -15.54
N TRP A 19 -4.54 16.10 -14.68
CA TRP A 19 -3.30 16.74 -15.13
C TRP A 19 -2.75 15.96 -16.31
N TRP A 20 -2.38 16.66 -17.37
CA TRP A 20 -2.24 16.01 -18.65
C TRP A 20 -0.90 16.28 -19.32
N PRO A 21 -0.28 15.25 -19.89
CA PRO A 21 0.99 15.46 -20.61
C PRO A 21 0.76 16.32 -21.85
N CYS A 22 1.52 17.42 -21.93
CA CYS A 22 1.49 18.28 -23.08
C CYS A 22 2.91 18.71 -23.44
N MET A 23 3.07 19.03 -24.73
CA MET A 23 4.21 19.76 -25.27
C MET A 23 3.73 21.15 -25.66
N VAL A 24 4.57 22.14 -25.33
CA VAL A 24 4.34 23.51 -25.76
C VAL A 24 4.53 23.63 -27.27
N SER A 25 3.76 24.49 -27.93
CA SER A 25 3.97 24.73 -29.36
C SER A 25 3.61 26.16 -29.71
N ALA A 26 3.75 26.47 -31.00
CA ALA A 26 3.34 27.75 -31.55
C ALA A 26 1.90 27.69 -32.04
N ASP A 27 1.16 28.76 -31.78
CA ASP A 27 -0.24 28.83 -32.21
C ASP A 27 -0.30 28.91 -33.73
N PRO A 28 -0.89 27.91 -34.40
CA PRO A 28 -0.81 27.85 -35.87
C PRO A 28 -1.47 29.03 -36.51
N LEU A 29 -2.09 29.87 -35.70
CA LEU A 29 -2.81 31.04 -36.15
C LEU A 29 -1.94 32.24 -35.80
N LEU A 30 -1.89 32.61 -34.52
CA LEU A 30 -1.16 33.79 -34.08
C LEU A 30 0.34 33.70 -34.33
N HIS A 31 0.88 32.52 -34.60
CA HIS A 31 2.33 32.29 -34.72
C HIS A 31 3.08 32.88 -33.51
N SER A 32 2.63 32.48 -32.32
CA SER A 32 3.36 32.71 -31.09
C SER A 32 3.13 31.50 -30.20
N TYR A 33 3.86 31.43 -29.09
CA TYR A 33 3.63 30.38 -28.10
C TYR A 33 3.45 30.90 -26.67
N THR A 34 3.30 32.21 -26.47
CA THR A 34 3.18 32.81 -25.14
C THR A 34 2.86 34.30 -25.24
N LYS A 35 2.22 34.84 -24.20
CA LYS A 35 1.88 36.28 -24.20
C LYS A 35 1.80 36.98 -22.84
N LYS A 41 -1.40 43.19 -16.41
CA LYS A 41 -0.89 41.96 -17.01
C LYS A 41 0.22 41.37 -16.12
N SER A 42 -0.08 40.28 -15.39
CA SER A 42 0.86 39.68 -14.44
C SER A 42 1.10 38.18 -14.61
N ALA A 43 0.15 37.43 -15.18
CA ALA A 43 0.28 35.98 -15.34
C ALA A 43 0.47 35.63 -16.81
N ARG A 44 1.31 34.62 -17.07
CA ARG A 44 1.64 34.22 -18.42
C ARG A 44 0.81 33.01 -18.85
N GLN A 45 0.51 32.98 -20.15
CA GLN A 45 -0.08 31.82 -20.78
C GLN A 45 0.95 31.17 -21.69
N TYR A 46 0.58 30.02 -22.22
CA TYR A 46 1.43 29.35 -23.18
C TYR A 46 0.53 28.55 -24.10
N HIS A 47 1.08 28.22 -25.26
CA HIS A 47 0.37 27.40 -26.21
C HIS A 47 0.90 25.97 -26.09
N VAL A 48 0.00 25.02 -25.88
CA VAL A 48 0.39 23.67 -25.56
C VAL A 48 -0.58 22.72 -26.25
N GLN A 49 -0.07 21.63 -26.77
CA GLN A 49 -0.97 20.65 -27.36
C GLN A 49 -1.05 19.37 -26.51
N PHE A 50 -2.28 18.96 -26.23
CA PHE A 50 -2.61 17.82 -25.37
C PHE A 50 -2.29 16.53 -26.08
N PHE A 51 -1.46 15.70 -25.45
CA PHE A 51 -1.19 14.33 -25.88
C PHE A 51 -2.40 13.45 -25.65
N GLY A 52 -2.60 12.52 -26.57
CA GLY A 52 -3.79 11.72 -26.65
C GLY A 52 -3.73 10.94 -27.92
N ASP A 53 -4.65 9.98 -28.07
CA ASP A 53 -4.70 9.43 -29.42
C ASP A 53 -5.46 10.38 -30.33
N ALA A 54 -6.06 11.40 -29.73
CA ALA A 54 -6.90 12.39 -30.39
C ALA A 54 -6.47 13.75 -29.86
N PRO A 55 -5.31 14.24 -30.28
CA PRO A 55 -4.79 15.51 -29.74
C PRO A 55 -5.65 16.73 -30.09
N GLU A 56 -5.49 17.72 -29.21
CA GLU A 56 -6.11 19.02 -29.19
C GLU A 56 -5.03 19.99 -28.71
N ARG A 57 -5.31 21.30 -28.76
CA ARG A 57 -4.40 22.34 -28.28
C ARG A 57 -5.19 23.38 -27.51
N ALA A 58 -4.48 24.26 -26.82
CA ALA A 58 -5.13 25.33 -26.06
C ALA A 58 -4.07 26.21 -25.43
N TRP A 59 -4.53 27.37 -24.96
CA TRP A 59 -3.72 28.30 -24.20
C TRP A 59 -4.04 28.06 -22.73
N ILE A 60 -3.04 27.65 -21.97
CA ILE A 60 -3.24 27.43 -20.54
C ILE A 60 -2.49 28.52 -19.80
N PHE A 61 -2.88 28.74 -18.56
CA PHE A 61 -2.12 29.68 -17.77
C PHE A 61 -0.82 29.02 -17.33
N GLU A 62 0.19 29.85 -17.11
CA GLU A 62 1.42 29.33 -16.53
C GLU A 62 1.15 28.71 -15.18
N LYS A 63 0.11 29.18 -14.49
CA LYS A 63 -0.15 28.71 -13.13
C LYS A 63 -0.61 27.25 -13.11
N SER A 64 -1.47 26.84 -14.06
CA SER A 64 -1.84 25.43 -14.22
C SER A 64 -0.89 24.71 -15.15
N LEU A 65 0.39 24.76 -14.80
CA LEU A 65 1.44 24.24 -15.67
C LEU A 65 2.67 23.89 -14.84
N VAL A 66 3.11 22.62 -14.92
CA VAL A 66 4.37 22.17 -14.33
C VAL A 66 5.20 21.45 -15.38
N ALA A 67 6.53 21.57 -15.26
CA ALA A 67 7.41 20.80 -16.13
C ALA A 67 7.30 19.30 -15.82
N PHE A 68 7.66 18.49 -16.80
CA PHE A 68 7.32 17.06 -16.81
C PHE A 68 8.57 16.23 -16.64
N GLU A 69 8.73 15.67 -15.45
CA GLU A 69 9.85 14.76 -15.20
C GLU A 69 9.52 13.38 -15.73
N GLY A 70 8.43 12.80 -15.25
CA GLY A 70 7.93 11.62 -15.90
C GLY A 70 6.53 11.31 -15.40
N GLU A 71 6.01 10.18 -15.84
CA GLU A 71 4.78 9.63 -15.31
C GLU A 71 4.78 9.53 -13.78
N GLY A 72 5.93 9.71 -13.14
CA GLY A 72 6.01 9.62 -11.70
C GLY A 72 5.16 10.65 -10.98
N GLN A 73 5.14 11.87 -11.48
CA GLN A 73 4.53 13.00 -10.78
C GLN A 73 3.01 12.96 -10.77
N PHE A 74 2.39 11.96 -11.40
CA PHE A 74 0.97 12.10 -11.72
C PHE A 74 0.10 12.03 -10.48
N GLU A 75 0.27 10.98 -9.66
CA GLU A 75 -0.53 10.83 -8.46
C GLU A 75 -0.38 12.02 -7.52
N LYS A 76 0.85 12.52 -7.34
CA LYS A 76 1.03 13.60 -6.37
C LYS A 76 0.39 14.90 -6.85
N LEU A 77 0.45 15.18 -8.16
CA LEU A 77 -0.22 16.34 -8.77
C LEU A 77 -1.73 16.26 -8.60
N CYS A 78 -2.31 15.09 -8.86
CA CYS A 78 -3.72 14.85 -8.56
C CYS A 78 -4.03 15.15 -7.12
N GLN A 79 -3.14 14.75 -6.21
CA GLN A 79 -3.34 15.07 -4.80
C GLN A 79 -3.42 16.58 -4.60
N GLU A 80 -2.53 17.33 -5.25
CA GLU A 80 -2.44 18.76 -5.02
C GLU A 80 -3.69 19.49 -5.48
N SER A 81 -4.18 19.16 -6.67
CA SER A 81 -5.35 19.83 -7.20
C SER A 81 -6.60 19.46 -6.41
N ALA A 82 -6.82 18.16 -6.20
CA ALA A 82 -7.94 17.76 -5.36
C ALA A 82 -7.69 18.02 -3.88
N LYS A 83 -6.43 18.24 -3.46
CA LYS A 83 -6.15 18.73 -2.10
C LYS A 83 -7.24 19.66 -1.64
N GLN A 84 -7.55 20.64 -2.47
CA GLN A 84 -8.86 21.24 -2.37
C GLN A 84 -9.21 21.81 -3.74
N ALA A 85 -10.20 21.17 -4.35
CA ALA A 85 -10.96 21.58 -5.52
C ALA A 85 -12.30 22.11 -5.03
N PRO A 86 -12.96 23.00 -5.83
CA PRO A 86 -14.24 23.57 -5.39
C PRO A 86 -15.30 22.56 -4.97
N THR A 87 -15.89 21.84 -5.94
CA THR A 87 -16.80 20.77 -5.56
C THR A 87 -16.03 19.62 -4.93
N LYS A 88 -16.76 18.82 -4.18
CA LYS A 88 -16.18 17.67 -3.53
C LYS A 88 -16.63 16.38 -4.18
N ALA A 89 -17.28 16.48 -5.36
CA ALA A 89 -17.46 15.35 -6.25
C ALA A 89 -16.39 15.29 -7.32
N GLU A 90 -15.77 16.44 -7.66
CA GLU A 90 -14.53 16.39 -8.41
C GLU A 90 -13.47 15.65 -7.59
N LYS A 91 -13.25 16.11 -6.35
CA LYS A 91 -12.20 15.52 -5.50
C LYS A 91 -12.31 14.00 -5.46
N ILE A 92 -13.50 13.49 -5.14
CA ILE A 92 -13.86 12.08 -5.32
C ILE A 92 -13.29 11.53 -6.63
N LYS A 93 -13.63 12.19 -7.74
CA LYS A 93 -13.35 11.72 -9.10
C LYS A 93 -11.95 12.13 -9.57
N LEU A 94 -11.45 13.24 -9.08
CA LEU A 94 -10.05 13.58 -9.25
C LEU A 94 -9.11 12.68 -8.45
N LEU A 95 -9.64 11.75 -7.64
CA LEU A 95 -8.79 10.91 -6.83
C LEU A 95 -9.03 9.41 -7.04
N LYS A 96 -10.14 9.02 -7.68
CA LYS A 96 -10.20 7.63 -8.13
C LYS A 96 -9.58 7.53 -9.53
N PRO A 97 -8.90 6.44 -9.90
CA PRO A 97 -8.15 6.44 -11.16
C PRO A 97 -9.12 6.62 -12.34
N ILE A 98 -8.55 7.10 -13.45
CA ILE A 98 -9.34 7.62 -14.57
C ILE A 98 -10.36 6.60 -15.04
N SER A 99 -11.51 7.10 -15.51
CA SER A 99 -12.58 6.27 -16.01
C SER A 99 -12.96 6.63 -17.44
N GLY A 100 -13.57 5.68 -18.13
CA GLY A 100 -14.33 5.92 -19.34
C GLY A 100 -13.52 6.18 -20.60
N LYS A 101 -14.16 6.91 -21.51
CA LYS A 101 -13.55 7.24 -22.80
C LYS A 101 -12.22 7.95 -22.61
N LEU A 102 -12.16 8.82 -21.62
CA LEU A 102 -10.96 9.63 -21.41
C LEU A 102 -9.75 8.76 -21.05
N ARG A 103 -9.97 7.69 -20.28
CA ARG A 103 -8.88 6.90 -19.71
C ARG A 103 -7.94 6.37 -20.78
N ALA A 104 -8.49 5.73 -21.81
CA ALA A 104 -7.66 5.12 -22.84
C ALA A 104 -6.73 6.15 -23.44
N GLN A 105 -7.24 7.38 -23.63
CA GLN A 105 -6.46 8.46 -24.23
C GLN A 105 -5.31 8.89 -23.33
N TRP A 106 -5.56 8.97 -22.01
CA TRP A 106 -4.49 9.34 -21.09
C TRP A 106 -3.35 8.35 -21.15
N GLU A 107 -3.68 7.05 -21.16
CA GLU A 107 -2.63 6.05 -21.31
C GLU A 107 -1.82 6.30 -22.58
N MET A 108 -2.53 6.60 -23.68
CA MET A 108 -1.87 6.99 -24.91
C MET A 108 -1.01 8.25 -24.70
N GLY A 109 -1.52 9.20 -23.91
CA GLY A 109 -0.78 10.39 -23.53
C GLY A 109 0.64 10.16 -23.03
N ILE A 110 0.78 9.41 -21.92
CA ILE A 110 2.10 9.21 -21.32
C ILE A 110 3.04 8.50 -22.29
N VAL A 111 2.54 7.48 -22.99
CA VAL A 111 3.43 6.72 -23.88
C VAL A 111 4.15 7.68 -24.82
N GLN A 112 3.36 8.52 -25.51
CA GLN A 112 3.90 9.61 -26.32
C GLN A 112 4.80 10.51 -25.50
N ALA A 113 4.40 10.81 -24.27
CA ALA A 113 5.13 11.75 -23.45
C ALA A 113 6.58 11.29 -23.24
N GLU A 114 6.75 10.04 -22.79
CA GLU A 114 8.09 9.56 -22.46
C GLU A 114 8.85 9.21 -23.72
N GLU A 115 8.17 8.63 -24.71
CA GLU A 115 8.78 8.52 -26.04
C GLU A 115 9.31 9.87 -26.50
N ALA A 116 8.67 10.96 -26.08
CA ALA A 116 9.06 12.29 -26.52
C ALA A 116 10.18 12.89 -25.67
N ALA A 117 10.16 12.63 -24.36
CA ALA A 117 11.32 13.00 -23.55
C ALA A 117 12.58 12.30 -24.05
N SER A 118 12.43 11.10 -24.63
CA SER A 118 13.48 10.32 -25.28
C SER A 118 14.21 11.07 -26.39
N MET A 119 13.74 12.23 -26.84
CA MET A 119 14.34 12.88 -28.00
C MET A 119 14.57 14.36 -27.78
N SER A 120 15.57 14.87 -28.50
CA SER A 120 15.91 16.28 -28.48
C SER A 120 14.74 17.13 -28.98
N VAL A 121 14.76 18.43 -28.61
CA VAL A 121 13.70 19.34 -29.05
C VAL A 121 13.48 19.24 -30.55
N GLU A 122 14.55 19.36 -31.32
CA GLU A 122 14.38 19.64 -32.73
C GLU A 122 13.59 18.53 -33.42
N GLU A 123 13.80 17.29 -33.02
CA GLU A 123 13.03 16.21 -33.60
C GLU A 123 11.75 15.93 -32.82
N ARG A 124 11.76 16.20 -31.52
CA ARG A 124 10.57 15.98 -30.70
C ARG A 124 9.45 16.89 -31.13
N LYS A 125 9.78 18.18 -31.30
CA LYS A 125 8.89 19.10 -32.00
C LYS A 125 8.44 18.48 -33.30
N ALA A 126 9.39 18.22 -34.19
CA ALA A 126 9.06 17.76 -35.54
C ALA A 126 8.12 16.55 -35.52
N LYS A 127 8.32 15.63 -34.60
CA LYS A 127 7.46 14.45 -34.62
C LYS A 127 6.16 14.68 -33.85
N PHE A 128 6.08 15.68 -32.98
CA PHE A 128 4.99 15.73 -32.02
C PHE A 128 4.14 16.98 -32.05
N THR A 129 4.45 17.98 -32.87
CA THR A 129 3.53 19.09 -33.06
C THR A 129 2.53 18.68 -34.14
N PHE A 130 1.23 18.76 -33.86
CA PHE A 130 0.26 18.18 -34.79
C PHE A 130 -0.49 19.22 -35.62
N LEU A 131 -0.97 18.77 -36.78
CA LEU A 131 -1.56 19.56 -37.83
C LEU A 131 -3.00 19.10 -38.05
N TYR A 132 -3.88 20.03 -38.42
CA TYR A 132 -5.30 19.80 -38.26
C TYR A 132 -6.10 19.85 -39.59
N LEU B 2 21.78 -5.46 -11.04
CA LEU B 2 20.58 -4.88 -10.42
C LEU B 2 20.14 -5.71 -9.23
N LYS B 3 19.48 -5.06 -8.26
CA LYS B 3 19.06 -5.78 -7.06
C LYS B 3 17.74 -6.50 -7.29
N TYR B 4 16.79 -5.85 -7.95
CA TYR B 4 15.42 -6.35 -8.01
C TYR B 4 14.98 -6.60 -9.43
N ASN B 5 14.05 -7.54 -9.57
CA ASN B 5 13.46 -7.92 -10.85
C ASN B 5 11.98 -8.21 -10.61
N VAL B 6 11.27 -8.55 -11.69
CA VAL B 6 9.82 -8.69 -11.63
C VAL B 6 9.46 -9.92 -10.82
N GLY B 7 8.57 -9.73 -9.84
CA GLY B 7 8.11 -10.79 -8.97
C GLY B 7 8.69 -10.76 -7.58
N ASP B 8 9.82 -10.08 -7.36
CA ASP B 8 10.36 -9.96 -6.01
C ASP B 8 9.39 -9.22 -5.11
N LEU B 9 9.13 -9.79 -3.95
CA LEU B 9 8.33 -9.11 -2.94
C LEU B 9 9.25 -8.22 -2.11
N VAL B 10 8.75 -7.05 -1.71
CA VAL B 10 9.56 -6.10 -0.95
C VAL B 10 8.66 -5.28 -0.02
N TRP B 11 9.19 -4.93 1.16
CA TRP B 11 8.64 -3.82 1.92
C TRP B 11 8.96 -2.52 1.18
N SER B 12 8.11 -1.52 1.37
CA SER B 12 8.28 -0.30 0.61
C SER B 12 7.76 0.87 1.44
N LYS B 13 8.60 1.90 1.59
CA LYS B 13 8.34 3.02 2.51
C LYS B 13 8.11 4.32 1.74
N VAL B 14 6.96 4.94 1.99
CA VAL B 14 6.59 6.24 1.43
C VAL B 14 6.48 7.22 2.59
N SER B 15 6.73 8.50 2.32
CA SER B 15 6.43 9.50 3.34
C SER B 15 4.95 9.41 3.70
N GLY B 16 4.64 9.68 4.97
CA GLY B 16 3.29 9.58 5.47
C GLY B 16 2.73 8.19 5.63
N TYR B 17 3.49 7.15 5.31
CA TYR B 17 3.02 5.77 5.36
C TYR B 17 3.95 4.88 6.16
N PRO B 18 3.46 3.74 6.62
CA PRO B 18 4.36 2.71 7.15
C PRO B 18 4.92 1.86 6.03
N TRP B 19 5.95 1.08 6.40
CA TRP B 19 6.51 0.08 5.50
C TRP B 19 5.42 -0.82 4.94
N TRP B 20 5.37 -0.89 3.61
CA TRP B 20 4.23 -1.59 3.04
C TRP B 20 4.67 -2.83 2.28
N PRO B 21 3.92 -3.94 2.41
CA PRO B 21 4.19 -5.10 1.56
C PRO B 21 3.90 -4.74 0.12
N CYS B 22 4.89 -5.01 -0.73
CA CYS B 22 4.79 -4.70 -2.15
C CYS B 22 5.40 -5.87 -2.93
N MET B 23 5.02 -5.95 -4.20
CA MET B 23 5.62 -6.82 -5.20
C MET B 23 6.14 -5.94 -6.31
N VAL B 24 7.45 -5.98 -6.57
CA VAL B 24 7.95 -5.29 -7.76
C VAL B 24 7.26 -5.92 -8.96
N SER B 25 6.67 -5.06 -9.81
CA SER B 25 6.01 -5.44 -11.05
C SER B 25 6.53 -4.56 -12.17
N ALA B 26 6.09 -4.89 -13.38
CA ALA B 26 6.38 -4.08 -14.56
C ALA B 26 5.20 -3.15 -14.84
N ASP B 27 5.50 -1.96 -15.32
CA ASP B 27 4.54 -0.87 -15.44
C ASP B 27 3.55 -1.16 -16.56
N PRO B 28 2.25 -1.25 -16.27
CA PRO B 28 1.32 -1.88 -17.22
C PRO B 28 1.08 -1.06 -18.45
N LEU B 29 1.74 0.07 -18.55
CA LEU B 29 1.63 0.86 -19.74
C LEU B 29 2.95 1.46 -20.20
N LEU B 30 3.91 1.70 -19.31
CA LEU B 30 5.26 1.98 -19.76
C LEU B 30 6.02 0.73 -20.14
N HIS B 31 5.52 -0.40 -19.69
CA HIS B 31 6.17 -1.70 -19.74
C HIS B 31 7.59 -1.60 -19.16
N SER B 32 7.66 -1.41 -17.84
CA SER B 32 8.95 -1.14 -17.23
C SER B 32 8.93 -1.60 -15.76
N TYR B 33 10.10 -1.93 -15.22
CA TYR B 33 10.16 -2.12 -13.79
C TYR B 33 11.30 -1.37 -13.11
N THR B 34 12.27 -0.85 -13.85
CA THR B 34 13.29 -0.01 -13.24
C THR B 34 13.69 1.13 -14.18
N LYS B 35 14.39 2.12 -13.62
CA LYS B 35 14.82 3.31 -14.36
C LYS B 35 15.73 4.13 -13.45
N LEU B 36 16.22 5.27 -13.98
CA LEU B 36 16.97 6.25 -13.21
C LEU B 36 16.31 7.63 -13.23
N SER B 42 21.05 9.23 -11.73
CA SER B 42 22.14 8.57 -11.01
C SER B 42 21.65 7.70 -9.86
N ALA B 43 20.34 7.75 -9.57
CA ALA B 43 19.71 6.96 -8.51
C ALA B 43 18.54 6.16 -9.09
N ARG B 44 18.48 4.87 -8.77
CA ARG B 44 17.59 3.94 -9.45
C ARG B 44 16.18 3.93 -8.84
N GLN B 45 15.20 3.57 -9.68
CA GLN B 45 13.83 3.38 -9.24
C GLN B 45 13.33 2.00 -9.67
N TYR B 46 12.25 1.57 -9.03
CA TYR B 46 11.61 0.30 -9.34
C TYR B 46 10.11 0.47 -9.29
N HIS B 47 9.41 -0.25 -10.17
CA HIS B 47 7.96 -0.16 -10.25
C HIS B 47 7.33 -1.23 -9.36
N VAL B 48 6.63 -0.78 -8.31
CA VAL B 48 6.11 -1.69 -7.30
C VAL B 48 4.60 -1.56 -7.22
N GLN B 49 3.96 -2.56 -6.64
CA GLN B 49 2.51 -2.55 -6.50
C GLN B 49 2.15 -2.92 -5.07
N PHE B 50 1.07 -2.31 -4.55
CA PHE B 50 0.74 -2.38 -3.14
C PHE B 50 -0.27 -3.48 -2.83
N PHE B 51 0.05 -4.31 -1.83
CA PHE B 51 -0.90 -5.28 -1.32
C PHE B 51 -1.97 -4.58 -0.49
N GLY B 52 -3.14 -5.21 -0.43
CA GLY B 52 -4.21 -4.62 0.33
C GLY B 52 -5.59 -5.07 -0.13
N ASP B 53 -6.47 -4.10 -0.38
CA ASP B 53 -7.79 -4.39 -0.91
C ASP B 53 -8.04 -3.71 -2.24
N ALA B 54 -7.24 -2.71 -2.58
CA ALA B 54 -7.37 -1.96 -3.82
C ALA B 54 -6.06 -1.99 -4.58
N PRO B 55 -6.09 -2.41 -5.85
CA PRO B 55 -4.86 -2.38 -6.65
C PRO B 55 -4.32 -0.98 -6.78
N GLU B 56 -3.06 -0.82 -6.40
CA GLU B 56 -2.41 0.48 -6.59
C GLU B 56 -0.93 0.23 -6.93
N ARG B 57 -0.13 1.30 -6.99
CA ARG B 57 1.24 1.22 -7.51
C ARG B 57 1.93 2.59 -7.54
N ALA B 58 3.23 2.56 -7.80
CA ALA B 58 4.07 3.76 -7.92
C ALA B 58 5.53 3.38 -8.22
N TRP B 59 6.32 4.41 -8.54
CA TRP B 59 7.77 4.31 -8.84
C TRP B 59 8.57 4.86 -7.66
N ILE B 60 9.25 3.96 -6.93
CA ILE B 60 9.98 4.31 -5.71
C ILE B 60 11.47 4.12 -5.93
N PHE B 61 12.27 4.95 -5.26
CA PHE B 61 13.72 4.80 -5.32
C PHE B 61 14.14 3.50 -4.63
N GLU B 62 15.19 2.88 -5.17
CA GLU B 62 15.65 1.60 -4.63
C GLU B 62 15.99 1.69 -3.15
N LYS B 63 16.50 2.85 -2.70
CA LYS B 63 16.93 2.97 -1.32
C LYS B 63 15.77 2.81 -0.34
N SER B 64 14.56 3.18 -0.75
CA SER B 64 13.42 3.24 0.15
C SER B 64 12.61 1.95 0.17
N LEU B 65 13.16 0.86 -0.35
CA LEU B 65 12.46 -0.40 -0.20
C LEU B 65 13.47 -1.52 -0.06
N VAL B 66 13.08 -2.55 0.68
CA VAL B 66 13.95 -3.70 0.93
C VAL B 66 13.10 -4.95 0.87
N ALA B 67 13.73 -6.06 0.47
CA ALA B 67 13.02 -7.32 0.26
C ALA B 67 12.40 -7.79 1.55
N PHE B 68 11.19 -8.35 1.50
CA PHE B 68 10.52 -8.70 2.74
C PHE B 68 10.46 -10.23 2.79
N GLU B 69 10.93 -10.82 3.91
CA GLU B 69 10.78 -12.25 4.16
C GLU B 69 9.49 -12.59 4.89
N GLY B 70 8.96 -11.66 5.66
CA GLY B 70 7.75 -11.90 6.42
C GLY B 70 7.53 -10.74 7.37
N GLU B 71 6.38 -10.82 8.06
CA GLU B 71 5.85 -9.67 8.78
C GLU B 71 6.83 -9.13 9.85
N GLY B 72 7.52 -10.00 10.57
CA GLY B 72 8.37 -9.59 11.67
C GLY B 72 9.48 -8.60 11.36
N GLN B 73 9.64 -8.25 10.08
CA GLN B 73 10.55 -7.18 9.72
C GLN B 73 10.03 -5.80 10.08
N PHE B 74 8.73 -5.67 10.35
CA PHE B 74 8.13 -4.34 10.45
C PHE B 74 8.84 -3.51 11.51
N GLU B 75 8.76 -3.95 12.77
CA GLU B 75 9.26 -3.16 13.89
C GLU B 75 10.75 -2.91 13.79
N LYS B 76 11.50 -3.84 13.22
CA LYS B 76 12.90 -3.55 12.92
C LYS B 76 12.99 -2.36 11.97
N LEU B 77 12.27 -2.42 10.84
CA LEU B 77 12.23 -1.31 9.88
C LEU B 77 11.74 -0.02 10.54
N CYS B 78 10.74 -0.14 11.41
CA CYS B 78 10.20 1.03 12.07
C CYS B 78 11.24 1.66 12.98
N GLN B 79 11.96 0.81 13.74
CA GLN B 79 13.06 1.28 14.57
C GLN B 79 14.19 1.86 13.76
N GLU B 80 14.42 1.37 12.55
CA GLU B 80 15.54 1.87 11.76
C GLU B 80 15.20 3.20 11.11
N SER B 81 14.05 3.30 10.46
CA SER B 81 13.63 4.59 9.91
C SER B 81 13.54 5.64 11.00
N ALA B 82 13.23 5.22 12.23
CA ALA B 82 13.31 6.13 13.36
C ALA B 82 14.75 6.49 13.67
N LYS B 83 15.64 5.51 13.63
CA LYS B 83 17.04 5.81 13.88
C LYS B 83 17.60 6.71 12.80
N GLN B 84 17.19 6.47 11.54
CA GLN B 84 17.70 7.19 10.38
C GLN B 84 17.05 8.55 10.16
N ALA B 85 16.09 8.95 10.99
CA ALA B 85 15.37 10.19 10.84
C ALA B 85 15.99 11.25 11.75
N PRO B 86 16.88 12.12 11.24
CA PRO B 86 17.56 13.07 12.12
C PRO B 86 16.64 14.07 12.78
N THR B 87 15.71 14.61 11.99
CA THR B 87 14.69 15.55 12.42
C THR B 87 13.76 14.96 13.47
N LYS B 88 13.17 15.86 14.26
CA LYS B 88 12.30 15.57 15.39
C LYS B 88 10.86 15.32 14.95
N ALA B 89 10.17 16.37 14.50
CA ALA B 89 8.72 16.24 14.29
C ALA B 89 8.41 15.28 13.15
N GLU B 90 9.23 15.27 12.10
CA GLU B 90 9.08 14.23 11.09
C GLU B 90 9.18 12.86 11.74
N LYS B 91 10.11 12.72 12.67
CA LYS B 91 10.31 11.45 13.33
C LYS B 91 9.00 10.93 13.91
N ILE B 92 8.23 11.81 14.58
CA ILE B 92 7.01 11.33 15.22
C ILE B 92 5.96 10.98 14.18
N LYS B 93 5.94 11.71 13.06
CA LYS B 93 4.96 11.40 12.02
C LYS B 93 5.23 10.02 11.44
N LEU B 94 6.52 9.62 11.38
CA LEU B 94 6.87 8.23 11.13
C LEU B 94 6.26 7.37 12.22
N LEU B 95 6.44 7.80 13.47
CA LEU B 95 6.11 7.05 14.67
C LEU B 95 4.65 7.13 15.05
N LYS B 96 3.83 7.87 14.31
CA LYS B 96 2.40 7.73 14.50
C LYS B 96 1.85 6.63 13.60
N SER B 99 -3.25 4.45 10.92
CA SER B 99 -4.35 4.92 11.74
C SER B 99 -5.70 4.72 11.00
N GLY B 100 -6.56 3.90 11.56
CA GLY B 100 -7.91 3.74 11.05
C GLY B 100 -8.11 2.56 10.10
N LYS B 101 -8.70 2.86 8.92
CA LYS B 101 -8.99 1.83 7.92
C LYS B 101 -7.72 1.32 7.29
N LEU B 102 -6.67 2.14 7.29
CA LEU B 102 -5.44 1.73 6.66
C LEU B 102 -4.88 0.46 7.30
N ARG B 103 -5.02 0.31 8.62
CA ARG B 103 -4.40 -0.85 9.25
C ARG B 103 -5.00 -2.15 8.72
N ALA B 104 -6.32 -2.22 8.65
CA ALA B 104 -6.92 -3.44 8.10
C ALA B 104 -6.46 -3.65 6.66
N GLN B 105 -6.17 -2.56 5.95
CA GLN B 105 -5.56 -2.69 4.63
C GLN B 105 -4.15 -3.21 4.74
N TRP B 106 -3.41 -2.75 5.73
CA TRP B 106 -2.06 -3.26 5.96
C TRP B 106 -2.10 -4.75 6.31
N GLU B 107 -2.98 -5.12 7.24
CA GLU B 107 -3.14 -6.53 7.57
C GLU B 107 -3.57 -7.32 6.34
N MET B 108 -4.57 -6.84 5.59
CA MET B 108 -4.93 -7.48 4.33
C MET B 108 -3.72 -7.56 3.42
N GLY B 109 -2.96 -6.48 3.35
CA GLY B 109 -1.75 -6.50 2.57
C GLY B 109 -0.82 -7.62 2.98
N ILE B 110 -0.64 -7.79 4.29
CA ILE B 110 0.42 -8.71 4.75
C ILE B 110 0.00 -10.15 4.49
N VAL B 111 -1.27 -10.49 4.74
CA VAL B 111 -1.80 -11.83 4.46
C VAL B 111 -1.49 -12.25 3.04
N GLN B 112 -1.71 -11.34 2.09
CA GLN B 112 -1.45 -11.66 0.68
C GLN B 112 0.03 -11.86 0.44
N ALA B 113 0.87 -11.05 1.07
CA ALA B 113 2.27 -10.97 0.65
C ALA B 113 3.07 -12.18 1.14
N GLU B 114 2.82 -12.64 2.36
CA GLU B 114 3.35 -13.94 2.75
C GLU B 114 2.83 -15.03 1.82
N GLU B 115 1.50 -15.08 1.66
CA GLU B 115 0.90 -16.13 0.84
C GLU B 115 1.44 -16.09 -0.58
N ALA B 116 1.90 -14.92 -1.03
CA ALA B 116 2.65 -14.84 -2.29
C ALA B 116 4.05 -15.41 -2.13
N ALA B 117 4.72 -15.07 -1.03
CA ALA B 117 6.07 -15.52 -0.79
C ALA B 117 6.16 -17.03 -0.50
N SER B 118 5.02 -17.69 -0.28
CA SER B 118 5.01 -19.12 -0.10
C SER B 118 5.17 -19.89 -1.42
N MET B 119 5.29 -19.20 -2.55
CA MET B 119 5.28 -19.85 -3.85
C MET B 119 6.32 -19.22 -4.77
N SER B 120 6.51 -19.85 -5.93
CA SER B 120 7.50 -19.44 -6.91
C SER B 120 7.10 -18.13 -7.59
N VAL B 121 8.10 -17.46 -8.18
CA VAL B 121 7.85 -16.15 -8.81
C VAL B 121 6.71 -16.27 -9.81
N GLU B 122 6.78 -17.25 -10.69
CA GLU B 122 5.73 -17.47 -11.67
C GLU B 122 4.41 -17.83 -11.02
N GLU B 123 4.43 -18.31 -9.78
CA GLU B 123 3.17 -18.50 -9.09
C GLU B 123 2.69 -17.20 -8.44
N ARG B 124 3.62 -16.33 -8.04
CA ARG B 124 3.21 -14.98 -7.64
C ARG B 124 2.69 -14.18 -8.83
N LYS B 125 3.33 -14.31 -9.99
CA LYS B 125 2.98 -13.50 -11.14
C LYS B 125 1.52 -13.74 -11.52
N ALA B 126 1.22 -14.94 -12.02
CA ALA B 126 -0.15 -15.27 -12.40
C ALA B 126 -1.15 -14.93 -11.29
N LYS B 127 -0.78 -15.19 -10.03
CA LYS B 127 -1.77 -15.13 -8.95
C LYS B 127 -2.02 -13.71 -8.45
N PHE B 128 -0.98 -12.87 -8.41
CA PHE B 128 -1.08 -11.59 -7.71
C PHE B 128 -0.87 -10.33 -8.54
N THR B 129 -0.18 -10.39 -9.68
CA THR B 129 -0.17 -9.23 -10.55
C THR B 129 -1.59 -8.91 -10.97
N PHE B 130 -2.06 -7.72 -10.62
CA PHE B 130 -3.45 -7.36 -10.83
C PHE B 130 -3.67 -6.45 -12.02
N LEU B 131 -4.80 -6.69 -12.68
CA LEU B 131 -5.29 -5.96 -13.83
C LEU B 131 -6.04 -4.71 -13.40
N TYR B 132 -6.11 -3.76 -14.32
CA TYR B 132 -6.62 -2.42 -14.09
C TYR B 132 -7.74 -2.10 -15.10
N LYS C 3 -16.36 -26.27 14.57
CA LYS C 3 -16.17 -26.36 16.02
C LYS C 3 -16.44 -25.04 16.71
N TYR C 4 -15.95 -23.97 16.08
CA TYR C 4 -15.99 -22.62 16.63
C TYR C 4 -16.91 -21.78 15.76
N ASN C 5 -17.74 -20.96 16.41
CA ASN C 5 -18.49 -19.90 15.74
C ASN C 5 -17.88 -18.54 16.13
N VAL C 6 -18.52 -17.46 15.67
CA VAL C 6 -17.99 -16.12 15.90
C VAL C 6 -18.16 -15.73 17.37
N GLY C 7 -17.26 -14.88 17.86
CA GLY C 7 -17.33 -14.38 19.23
C GLY C 7 -16.87 -15.36 20.28
N ASP C 8 -16.64 -16.61 19.89
CA ASP C 8 -16.10 -17.64 20.78
C ASP C 8 -14.69 -17.30 21.21
N LEU C 9 -14.44 -17.44 22.50
CA LEU C 9 -13.11 -17.20 23.06
C LEU C 9 -12.25 -18.45 22.87
N VAL C 10 -10.99 -18.23 22.50
CA VAL C 10 -10.09 -19.32 22.11
C VAL C 10 -8.65 -18.97 22.49
N TRP C 11 -7.86 -20.00 22.73
CA TRP C 11 -6.41 -19.84 22.89
C TRP C 11 -5.71 -20.00 21.54
N SER C 12 -4.75 -19.11 21.28
CA SER C 12 -4.10 -19.07 19.98
C SER C 12 -2.59 -19.14 20.16
N LYS C 13 -1.97 -20.15 19.55
CA LYS C 13 -0.52 -20.39 19.65
C LYS C 13 0.19 -19.89 18.40
N VAL C 14 1.30 -19.21 18.60
CA VAL C 14 2.13 -18.67 17.52
C VAL C 14 3.59 -19.02 17.74
N SER C 15 4.24 -19.49 16.67
CA SER C 15 5.65 -19.83 16.64
C SER C 15 6.48 -18.67 17.16
N GLY C 16 6.76 -18.68 18.46
CA GLY C 16 7.49 -17.65 19.17
C GLY C 16 6.72 -17.03 20.32
N TYR C 17 5.46 -17.37 20.50
CA TYR C 17 4.58 -16.66 21.40
C TYR C 17 3.83 -17.65 22.27
N PRO C 18 3.51 -17.27 23.49
CA PRO C 18 2.75 -18.17 24.35
C PRO C 18 1.32 -18.32 23.86
N TRP C 19 0.61 -19.24 24.49
CA TRP C 19 -0.82 -19.34 24.28
C TRP C 19 -1.48 -18.02 24.59
N TRP C 20 -2.21 -17.48 23.61
CA TRP C 20 -2.74 -16.14 23.75
C TRP C 20 -4.26 -16.14 23.75
N PRO C 21 -4.90 -15.38 24.65
CA PRO C 21 -6.35 -15.28 24.59
C PRO C 21 -6.79 -14.44 23.40
N CYS C 22 -7.80 -14.95 22.70
CA CYS C 22 -8.29 -14.31 21.51
C CYS C 22 -9.80 -14.54 21.46
N MET C 23 -10.43 -13.91 20.48
CA MET C 23 -11.83 -14.13 20.20
C MET C 23 -11.95 -14.27 18.69
N VAL C 24 -12.88 -15.14 18.26
CA VAL C 24 -13.08 -15.39 16.82
C VAL C 24 -13.86 -14.23 16.21
N SER C 25 -13.30 -13.62 15.16
CA SER C 25 -13.80 -12.36 14.63
C SER C 25 -13.81 -12.33 13.09
N ALA C 26 -14.88 -11.72 12.55
CA ALA C 26 -14.98 -11.48 11.12
C ALA C 26 -13.90 -10.51 10.64
N ASP C 27 -13.21 -10.93 9.59
CA ASP C 27 -12.27 -10.12 8.85
C ASP C 27 -12.82 -8.71 8.72
N PRO C 28 -12.13 -7.69 9.22
CA PRO C 28 -12.67 -6.33 9.07
C PRO C 28 -13.09 -5.95 7.64
N LEU C 29 -12.58 -6.63 6.61
CA LEU C 29 -13.00 -6.37 5.23
C LEU C 29 -13.82 -7.49 4.61
N LEU C 30 -13.35 -8.73 4.67
CA LEU C 30 -14.05 -9.86 4.07
C LEU C 30 -15.21 -10.37 4.91
N HIS C 31 -15.34 -9.89 6.16
CA HIS C 31 -16.37 -10.30 7.11
C HIS C 31 -16.61 -11.82 7.09
N SER C 32 -15.53 -12.55 6.82
CA SER C 32 -15.46 -13.99 6.98
C SER C 32 -14.61 -14.28 8.21
N TYR C 33 -15.03 -15.29 8.96
CA TYR C 33 -14.31 -15.71 10.14
C TYR C 33 -13.62 -17.05 9.97
N THR C 34 -14.03 -17.85 8.99
CA THR C 34 -13.38 -19.12 8.75
C THR C 34 -13.27 -19.35 7.26
N LYS C 35 -12.32 -20.20 6.88
CA LYS C 35 -12.00 -20.49 5.49
C LYS C 35 -11.15 -21.76 5.44
N LEU C 36 -10.82 -22.17 4.22
CA LEU C 36 -9.95 -23.30 3.93
C LEU C 36 -8.74 -22.83 3.14
N LYS C 37 -7.55 -23.12 3.64
CA LYS C 37 -6.33 -22.55 3.10
C LYS C 37 -5.88 -23.24 1.82
N LYS C 41 -6.01 -26.09 -0.07
CA LYS C 41 -7.30 -26.17 0.63
C LYS C 41 -7.55 -27.58 1.17
N SER C 42 -6.86 -27.94 2.26
CA SER C 42 -7.03 -29.24 2.92
C SER C 42 -7.25 -29.06 4.43
N ALA C 43 -6.67 -27.99 4.98
CA ALA C 43 -6.80 -27.62 6.38
C ALA C 43 -7.58 -26.32 6.51
N ARG C 44 -8.14 -26.12 7.70
CA ARG C 44 -9.07 -25.04 8.01
C ARG C 44 -8.41 -23.94 8.83
N GLN C 45 -8.94 -22.72 8.73
CA GLN C 45 -8.49 -21.61 9.56
C GLN C 45 -9.68 -20.88 10.15
N TYR C 46 -9.38 -20.06 11.17
CA TYR C 46 -10.35 -19.14 11.75
C TYR C 46 -9.71 -17.78 12.01
N HIS C 47 -10.41 -16.71 11.62
CA HIS C 47 -9.99 -15.36 11.92
C HIS C 47 -10.24 -15.05 13.39
N VAL C 48 -9.22 -14.60 14.09
CA VAL C 48 -9.31 -14.32 15.51
C VAL C 48 -8.64 -12.99 15.80
N GLN C 49 -8.84 -12.50 17.02
CA GLN C 49 -8.23 -11.24 17.46
C GLN C 49 -7.56 -11.42 18.81
N PHE C 50 -6.24 -11.40 18.82
CA PHE C 50 -5.47 -11.24 20.04
C PHE C 50 -6.05 -10.20 20.98
N PHE C 51 -6.38 -10.64 22.20
CA PHE C 51 -6.56 -9.72 23.33
C PHE C 51 -5.22 -9.11 23.75
N GLY C 52 -5.30 -8.04 24.55
CA GLY C 52 -4.12 -7.38 25.06
C GLY C 52 -4.30 -5.88 25.09
N ASP C 53 -3.18 -5.16 25.29
CA ASP C 53 -3.22 -3.72 25.22
C ASP C 53 -3.08 -3.19 23.80
N ALA C 54 -2.49 -3.99 22.90
CA ALA C 54 -2.20 -3.54 21.54
C ALA C 54 -2.65 -4.60 20.54
N PRO C 55 -3.97 -4.63 20.21
CA PRO C 55 -4.54 -5.82 19.55
C PRO C 55 -3.86 -6.15 18.24
N GLU C 56 -4.02 -7.41 17.81
CA GLU C 56 -3.81 -7.75 16.42
C GLU C 56 -4.87 -8.79 16.06
N ARG C 57 -4.66 -9.51 14.96
CA ARG C 57 -5.60 -10.46 14.39
C ARG C 57 -4.82 -11.32 13.39
N ALA C 58 -5.30 -12.53 13.14
CA ALA C 58 -4.86 -13.32 11.99
C ALA C 58 -5.74 -14.55 11.87
N TRP C 59 -5.34 -15.46 10.98
CA TRP C 59 -6.08 -16.66 10.63
C TRP C 59 -5.30 -17.87 11.15
N ILE C 60 -5.93 -18.67 11.99
CA ILE C 60 -5.23 -19.66 12.80
C ILE C 60 -5.82 -21.04 12.54
N PHE C 61 -4.93 -22.00 12.24
CA PHE C 61 -5.31 -23.40 12.08
C PHE C 61 -6.05 -23.93 13.30
N GLU C 62 -7.16 -24.64 13.04
CA GLU C 62 -8.09 -25.04 14.09
C GLU C 62 -7.42 -25.87 15.17
N LYS C 63 -6.42 -26.67 14.82
CA LYS C 63 -5.69 -27.42 15.83
C LYS C 63 -4.95 -26.48 16.78
N SER C 64 -4.23 -25.49 16.23
CA SER C 64 -3.49 -24.46 16.96
C SER C 64 -4.40 -23.51 17.71
N LEU C 65 -5.57 -24.00 18.10
CA LEU C 65 -6.67 -23.18 18.51
C LEU C 65 -7.51 -24.03 19.46
N VAL C 66 -7.92 -23.45 20.59
CA VAL C 66 -8.66 -24.17 21.64
C VAL C 66 -9.51 -23.19 22.45
N ALA C 67 -10.79 -23.55 22.61
CA ALA C 67 -11.73 -22.76 23.42
C ALA C 67 -11.16 -22.55 24.81
N PHE C 68 -11.86 -21.78 25.63
CA PHE C 68 -11.38 -21.74 26.99
C PHE C 68 -12.46 -21.28 27.94
N GLU C 69 -12.18 -21.51 29.24
CA GLU C 69 -13.03 -21.10 30.33
C GLU C 69 -12.26 -20.39 31.42
N GLY C 70 -10.93 -20.39 31.37
CA GLY C 70 -10.11 -19.76 32.39
C GLY C 70 -8.65 -19.64 32.02
N GLU C 71 -7.99 -18.68 32.67
CA GLU C 71 -6.53 -18.63 32.73
C GLU C 71 -5.93 -19.95 33.25
N GLY C 72 -6.69 -20.71 34.06
CA GLY C 72 -6.20 -21.97 34.59
C GLY C 72 -5.65 -22.94 33.56
N GLN C 73 -6.21 -22.94 32.36
CA GLN C 73 -5.77 -23.78 31.27
C GLN C 73 -4.40 -23.44 30.73
N PHE C 74 -3.73 -22.40 31.19
CA PHE C 74 -2.57 -21.93 30.46
C PHE C 74 -1.41 -22.91 30.54
N GLU C 75 -0.89 -23.13 31.76
CA GLU C 75 0.43 -23.78 31.87
C GLU C 75 0.39 -25.25 31.46
N LYS C 76 -0.78 -25.90 31.56
CA LYS C 76 -0.91 -27.21 30.96
C LYS C 76 -0.58 -27.17 29.46
N LEU C 77 -1.08 -26.14 28.76
CA LEU C 77 -0.92 -26.07 27.31
C LEU C 77 0.53 -25.77 26.94
N CYS C 78 1.22 -24.99 27.77
CA CYS C 78 2.66 -24.82 27.61
C CYS C 78 3.39 -26.15 27.66
N GLN C 79 3.03 -26.99 28.64
CA GLN C 79 3.62 -28.32 28.73
C GLN C 79 3.22 -29.17 27.53
N GLU C 80 1.92 -29.24 27.23
CA GLU C 80 1.42 -29.81 25.97
C GLU C 80 2.37 -29.58 24.81
N SER C 81 2.63 -28.31 24.50
CA SER C 81 3.46 -27.94 23.37
C SER C 81 4.95 -28.04 23.66
N ALA C 82 5.33 -28.20 24.94
CA ALA C 82 6.74 -28.43 25.26
C ALA C 82 7.14 -29.85 24.89
N LYS C 83 6.43 -30.84 25.44
CA LYS C 83 6.72 -32.24 25.13
C LYS C 83 6.41 -32.55 23.67
N GLN C 84 5.44 -31.85 23.09
CA GLN C 84 5.07 -32.00 21.69
C GLN C 84 5.97 -31.21 20.76
N ALA C 85 7.07 -30.66 21.25
CA ALA C 85 7.99 -29.85 20.45
C ALA C 85 9.23 -30.65 20.08
N PRO C 86 9.61 -30.67 18.80
CA PRO C 86 10.78 -31.47 18.39
C PRO C 86 12.09 -30.87 18.82
N THR C 87 12.12 -29.60 19.16
CA THR C 87 13.35 -28.92 19.53
C THR C 87 13.50 -28.90 21.03
N LYS C 88 14.76 -28.87 21.48
CA LYS C 88 15.07 -28.75 22.89
C LYS C 88 15.04 -27.31 23.34
N ALA C 89 15.35 -26.39 22.42
CA ALA C 89 15.32 -24.96 22.72
C ALA C 89 13.91 -24.53 23.09
N GLU C 90 12.93 -24.83 22.22
CA GLU C 90 11.55 -24.47 22.51
C GLU C 90 11.05 -25.12 23.79
N LYS C 91 11.62 -26.26 24.18
CA LYS C 91 11.21 -26.85 25.45
C LYS C 91 11.68 -26.00 26.63
N ILE C 92 12.66 -25.10 26.44
CA ILE C 92 13.08 -24.20 27.50
C ILE C 92 12.23 -22.94 27.54
N LYS C 93 12.03 -22.34 26.36
CA LYS C 93 11.37 -21.02 26.24
C LYS C 93 9.86 -21.13 26.42
N LEU C 94 9.23 -22.17 25.86
CA LEU C 94 7.79 -22.31 26.02
C LEU C 94 7.39 -22.57 27.46
N LEU C 95 8.33 -23.02 28.29
CA LEU C 95 8.05 -23.29 29.69
C LEU C 95 8.53 -22.20 30.64
N LYS C 96 9.56 -21.42 30.28
CA LYS C 96 9.99 -20.32 31.15
C LYS C 96 8.89 -19.27 31.16
N PRO C 97 8.45 -18.80 32.33
CA PRO C 97 7.30 -17.91 32.38
C PRO C 97 7.61 -16.59 31.68
N ILE C 98 6.64 -16.17 30.84
CA ILE C 98 6.74 -14.96 30.01
C ILE C 98 7.09 -13.76 30.88
N SER C 99 7.87 -12.84 30.30
CA SER C 99 8.40 -11.76 31.09
C SER C 99 8.26 -10.46 30.31
N GLY C 100 8.83 -9.38 30.86
CA GLY C 100 8.84 -8.10 30.21
C GLY C 100 7.45 -7.66 29.78
N LYS C 101 7.48 -6.68 28.85
CA LYS C 101 6.27 -6.11 28.28
C LYS C 101 5.22 -7.16 27.97
N LEU C 102 5.64 -8.22 27.30
CA LEU C 102 4.78 -9.32 26.90
C LEU C 102 3.94 -9.87 28.05
N ARG C 103 4.53 -9.96 29.25
CA ARG C 103 3.77 -10.36 30.42
C ARG C 103 2.57 -9.46 30.64
N ALA C 104 2.81 -8.15 30.76
CA ALA C 104 1.73 -7.22 31.03
C ALA C 104 0.63 -7.35 29.98
N GLN C 105 1.01 -7.32 28.70
CA GLN C 105 0.01 -7.40 27.63
C GLN C 105 -0.74 -8.71 27.71
N TRP C 106 0.00 -9.80 27.97
CA TRP C 106 -0.62 -11.09 28.20
C TRP C 106 -1.55 -11.02 29.40
N GLU C 107 -1.15 -10.36 30.48
CA GLU C 107 -2.06 -10.26 31.59
C GLU C 107 -3.27 -9.46 31.19
N MET C 108 -3.00 -8.26 30.62
CA MET C 108 -3.96 -7.45 29.90
C MET C 108 -4.82 -8.33 28.99
N GLY C 109 -4.15 -9.19 28.22
CA GLY C 109 -4.80 -10.29 27.52
C GLY C 109 -5.86 -10.98 28.35
N ILE C 110 -5.49 -11.54 29.50
CA ILE C 110 -6.44 -12.39 30.21
C ILE C 110 -7.51 -11.55 30.90
N VAL C 111 -7.11 -10.42 31.48
CA VAL C 111 -8.06 -9.51 32.12
C VAL C 111 -9.24 -9.25 31.21
N GLN C 112 -8.95 -8.77 29.99
CA GLN C 112 -10.01 -8.56 29.03
C GLN C 112 -10.78 -9.83 28.78
N ALA C 113 -10.07 -10.92 28.45
CA ALA C 113 -10.74 -12.14 28.01
C ALA C 113 -11.75 -12.61 29.06
N GLU C 114 -11.34 -12.61 30.34
CA GLU C 114 -12.30 -12.95 31.38
C GLU C 114 -13.40 -11.91 31.48
N GLU C 115 -13.03 -10.64 31.40
CA GLU C 115 -14.02 -9.58 31.39
C GLU C 115 -14.97 -9.73 30.20
N ALA C 116 -14.47 -10.26 29.07
CA ALA C 116 -15.28 -10.44 27.86
C ALA C 116 -16.23 -11.63 27.95
N ALA C 117 -15.79 -12.73 28.54
CA ALA C 117 -16.67 -13.88 28.73
C ALA C 117 -17.86 -13.57 29.63
N SER C 118 -17.78 -12.49 30.42
CA SER C 118 -18.82 -12.07 31.35
C SER C 118 -19.89 -11.22 30.68
N MET C 119 -20.05 -11.34 29.35
CA MET C 119 -20.65 -10.27 28.57
C MET C 119 -21.32 -10.79 27.30
N SER C 120 -22.46 -11.45 27.52
CA SER C 120 -23.35 -11.91 26.46
C SER C 120 -22.54 -12.67 25.43
N VAL C 121 -22.88 -12.47 24.17
CA VAL C 121 -21.99 -12.84 23.08
C VAL C 121 -21.80 -11.55 22.29
N GLU C 122 -22.92 -10.97 21.84
CA GLU C 122 -22.87 -9.83 20.93
C GLU C 122 -22.31 -8.60 21.60
N GLU C 123 -22.62 -8.42 22.88
CA GLU C 123 -22.06 -7.29 23.62
C GLU C 123 -20.54 -7.44 23.58
N ARG C 124 -20.07 -8.68 23.52
CA ARG C 124 -18.65 -8.91 23.31
C ARG C 124 -18.30 -8.72 21.84
N LYS C 125 -19.18 -9.15 20.94
CA LYS C 125 -18.89 -8.99 19.52
C LYS C 125 -18.76 -7.51 19.18
N ALA C 126 -19.64 -6.68 19.72
CA ALA C 126 -19.54 -5.24 19.53
C ALA C 126 -18.29 -4.65 20.17
N LYS C 127 -18.16 -4.81 21.49
CA LYS C 127 -17.14 -4.13 22.27
C LYS C 127 -15.74 -4.56 21.90
N PHE C 128 -15.57 -5.72 21.26
CA PHE C 128 -14.24 -6.25 21.08
C PHE C 128 -13.81 -6.47 19.64
N THR C 129 -14.68 -6.23 18.67
CA THR C 129 -14.31 -6.42 17.27
C THR C 129 -13.87 -5.10 16.64
N PHE C 130 -12.99 -5.25 15.65
CA PHE C 130 -12.23 -4.13 15.12
C PHE C 130 -13.13 -3.12 14.43
N LEU C 131 -13.90 -3.57 13.46
CA LEU C 131 -14.64 -2.69 12.59
C LEU C 131 -16.06 -3.22 12.50
N TYR C 132 -16.97 -2.60 13.22
CA TYR C 132 -18.27 -3.18 13.46
C TYR C 132 -19.45 -2.59 12.67
#